data_4AVY
#
_entry.id   4AVY
#
_cell.length_a   105.689
_cell.length_b   105.689
_cell.length_c   204.930
_cell.angle_alpha   90.00
_cell.angle_beta   90.00
_cell.angle_gamma   120.00
#
_symmetry.space_group_name_H-M   'P 64 2 2'
#
loop_
_entity.id
_entity.type
_entity.pdbx_description
1 polymer 'PROBABLE SHORT-CHAIN DEHYDROGENASE'
2 water water
#
_entity_poly.entity_id   1
_entity_poly.type   'polypeptide(L)'
_entity_poly.pdbx_seq_one_letter_code
;GMVFQHDIYAGQQVLVTGGSSGIGAAIAMQFAELGAEVVALGLDADGVHAPRHPRIRREELDITDSQRLQRLFEALPRLD
VLVNNAGISRDREEYDLATFERVLRLNLSAAMLASQLARPLLAQRGGSILNIASMYSTFGSADRPAYSASKGAIVQLTRS
LACEYAAERIRVNAIAPGWIDTPLGAGLKADVEATRRIMQRTPLARWGEAPEVASAAAFLCGPGASFVTGAVLAVDGGYL
CA
;
_entity_poly.pdbx_strand_id   A,B
#
# COMPACT_ATOMS: atom_id res chain seq x y z
N MET A 2 -3.79 -5.66 16.69
CA MET A 2 -4.99 -4.87 17.09
C MET A 2 -5.25 -3.68 16.17
N VAL A 3 -5.21 -3.91 14.86
CA VAL A 3 -5.67 -2.94 13.86
C VAL A 3 -6.93 -3.43 13.11
N PHE A 4 -7.00 -4.72 12.79
CA PHE A 4 -8.08 -5.26 12.00
C PHE A 4 -9.12 -5.90 12.91
N GLN A 5 -10.37 -5.89 12.46
CA GLN A 5 -11.46 -6.62 13.14
C GLN A 5 -11.05 -8.09 13.26
N HIS A 6 -11.25 -8.65 14.45
CA HIS A 6 -10.61 -9.91 14.85
C HIS A 6 -10.97 -11.18 14.11
N ASP A 7 -12.04 -11.16 13.34
CA ASP A 7 -12.41 -12.35 12.59
C ASP A 7 -12.68 -11.98 11.13
N ILE A 8 -11.95 -10.99 10.61
CA ILE A 8 -12.13 -10.52 9.25
C ILE A 8 -11.85 -11.61 8.21
N TYR A 9 -11.10 -12.64 8.59
CA TYR A 9 -10.87 -13.77 7.68
C TYR A 9 -11.47 -15.06 8.20
N ALA A 10 -12.40 -14.96 9.16
CA ALA A 10 -13.11 -16.15 9.64
C ALA A 10 -13.73 -16.90 8.48
N GLY A 11 -13.58 -18.21 8.48
CA GLY A 11 -14.20 -19.06 7.45
C GLY A 11 -13.43 -19.10 6.14
N GLN A 12 -12.32 -18.38 6.06
CA GLN A 12 -11.51 -18.39 4.85
C GLN A 12 -10.28 -19.31 4.99
N GLN A 13 -9.69 -19.66 3.85
CA GLN A 13 -8.50 -20.49 3.78
C GLN A 13 -7.36 -19.73 3.09
N VAL A 14 -6.20 -19.73 3.72
CA VAL A 14 -5.00 -19.03 3.24
C VAL A 14 -3.89 -20.08 3.06
N LEU A 15 -3.06 -19.89 2.03
CA LEU A 15 -1.89 -20.72 1.85
C LEU A 15 -0.66 -19.83 1.68
N VAL A 16 0.37 -20.09 2.47
CA VAL A 16 1.60 -19.34 2.47
C VAL A 16 2.75 -20.27 2.06
N THR A 17 3.37 -19.98 0.93
CA THR A 17 4.60 -20.68 0.54
C THR A 17 5.75 -20.01 1.30
N GLY A 18 6.80 -20.75 1.54
CA GLY A 18 7.90 -20.21 2.33
C GLY A 18 7.40 -19.82 3.73
N GLY A 19 6.53 -20.65 4.28
CA GLY A 19 5.86 -20.31 5.52
C GLY A 19 6.58 -20.72 6.79
N SER A 20 7.73 -21.36 6.67
CA SER A 20 8.32 -22.10 7.79
C SER A 20 9.30 -21.27 8.61
N SER A 21 9.60 -20.05 8.16
CA SER A 21 10.39 -19.13 8.94
C SER A 21 10.15 -17.68 8.49
N GLY A 22 10.66 -16.73 9.27
CA GLY A 22 10.68 -15.30 8.97
C GLY A 22 9.36 -14.59 8.61
N ILE A 23 9.38 -13.89 7.49
CA ILE A 23 8.22 -13.15 7.02
C ILE A 23 7.05 -14.10 6.76
N GLY A 24 7.34 -15.27 6.18
CA GLY A 24 6.30 -16.22 5.87
C GLY A 24 5.56 -16.68 7.11
N ALA A 25 6.31 -16.97 8.16
CA ALA A 25 5.74 -17.41 9.43
C ALA A 25 4.88 -16.32 10.04
N ALA A 26 5.38 -15.09 10.03
CA ALA A 26 4.63 -13.93 10.55
C ALA A 26 3.32 -13.68 9.72
N ILE A 27 3.39 -13.90 8.41
CA ILE A 27 2.19 -13.77 7.55
C ILE A 27 1.15 -14.83 7.94
N ALA A 28 1.58 -16.08 8.02
CA ALA A 28 0.70 -17.17 8.40
C ALA A 28 0.01 -16.87 9.72
N MET A 29 0.79 -16.43 10.69
CA MET A 29 0.29 -16.12 12.01
C MET A 29 -0.71 -14.96 11.99
N GLN A 30 -0.44 -13.92 11.19
CA GLN A 30 -1.35 -12.77 11.10
C GLN A 30 -2.71 -13.18 10.53
N PHE A 31 -2.74 -13.99 9.47
CA PHE A 31 -4.03 -14.45 8.94
C PHE A 31 -4.78 -15.37 9.95
N ALA A 32 -4.05 -16.31 10.57
CA ALA A 32 -4.61 -17.21 11.60
C ALA A 32 -5.24 -16.42 12.75
N GLU A 33 -4.54 -15.40 13.24
CA GLU A 33 -5.09 -14.56 14.32
C GLU A 33 -6.33 -13.80 13.90
N LEU A 34 -6.54 -13.59 12.61
CA LEU A 34 -7.72 -12.89 12.12
C LEU A 34 -8.81 -13.86 11.66
N GLY A 35 -8.66 -15.12 12.03
CA GLY A 35 -9.74 -16.12 11.89
C GLY A 35 -9.55 -17.12 10.77
N ALA A 36 -8.55 -16.92 9.92
CA ALA A 36 -8.35 -17.80 8.77
C ALA A 36 -7.79 -19.16 9.22
N GLU A 37 -8.13 -20.20 8.47
CA GLU A 37 -7.35 -21.43 8.47
C GLU A 37 -6.16 -21.22 7.49
N VAL A 38 -4.95 -21.63 7.89
CA VAL A 38 -3.75 -21.40 7.07
C VAL A 38 -2.99 -22.71 6.83
N VAL A 39 -2.55 -22.93 5.59
CA VAL A 39 -1.54 -23.92 5.31
C VAL A 39 -0.21 -23.20 5.10
N ALA A 40 0.78 -23.57 5.88
CA ALA A 40 2.13 -23.01 5.80
C ALA A 40 3.08 -24.07 5.21
N LEU A 41 3.57 -23.79 4.01
CA LEU A 41 4.42 -24.72 3.28
C LEU A 41 5.87 -24.30 3.34
N GLY A 42 6.76 -25.26 3.50
CA GLY A 42 8.19 -24.97 3.31
C GLY A 42 9.07 -26.12 3.78
N LEU A 43 10.38 -25.88 3.75
CA LEU A 43 11.35 -26.85 4.23
C LEU A 43 11.57 -26.62 5.71
N ASP A 44 11.92 -27.69 6.42
CA ASP A 44 12.10 -27.64 7.87
C ASP A 44 10.79 -27.13 8.51
N ALA A 45 9.69 -27.79 8.16
CA ALA A 45 8.34 -27.34 8.55
C ALA A 45 8.09 -27.39 10.05
N ASP A 46 8.83 -28.22 10.78
CA ASP A 46 8.70 -28.31 12.24
C ASP A 46 9.91 -27.72 12.97
N GLY A 47 10.71 -26.92 12.25
CA GLY A 47 11.89 -26.30 12.84
C GLY A 47 11.54 -25.26 13.89
N VAL A 48 12.57 -24.80 14.59
CA VAL A 48 12.42 -23.84 15.68
C VAL A 48 11.66 -22.56 15.29
N HIS A 49 11.79 -22.10 14.05
CA HIS A 49 11.16 -20.83 13.60
C HIS A 49 9.81 -21.00 12.95
N ALA A 50 9.32 -22.23 12.84
CA ALA A 50 8.04 -22.53 12.18
C ALA A 50 6.87 -21.96 12.98
N PRO A 51 5.82 -21.48 12.29
CA PRO A 51 4.70 -20.90 13.00
C PRO A 51 3.81 -21.99 13.63
N ARG A 52 3.76 -21.99 14.96
CA ARG A 52 2.93 -22.93 15.74
C ARG A 52 1.60 -22.25 16.18
N HIS A 53 0.47 -22.85 15.73
CA HIS A 53 -0.88 -22.36 16.01
C HIS A 53 -1.87 -23.47 15.66
N PRO A 54 -2.97 -23.63 16.43
CA PRO A 54 -3.96 -24.63 16.04
C PRO A 54 -4.69 -24.39 14.70
N ARG A 55 -4.69 -23.17 14.19
CA ARG A 55 -5.27 -22.87 12.85
C ARG A 55 -4.25 -22.91 11.70
N ILE A 56 -3.00 -23.27 12.00
CA ILE A 56 -1.95 -23.36 10.99
C ILE A 56 -1.50 -24.80 10.82
N ARG A 57 -1.78 -25.37 9.67
CA ARG A 57 -1.24 -26.68 9.29
C ARG A 57 0.11 -26.48 8.59
N ARG A 58 1.16 -27.10 9.14
CA ARG A 58 2.51 -26.99 8.60
C ARG A 58 2.76 -28.18 7.69
N GLU A 59 3.21 -27.91 6.48
CA GLU A 59 3.45 -28.96 5.52
C GLU A 59 4.87 -28.88 4.94
N GLU A 60 5.60 -29.99 5.04
CA GLU A 60 6.93 -30.12 4.45
C GLU A 60 6.74 -30.35 2.95
N LEU A 61 7.20 -29.40 2.15
CA LEU A 61 6.99 -29.49 0.72
C LEU A 61 8.01 -28.63 0.02
N ASP A 62 8.68 -29.22 -0.97
CA ASP A 62 9.56 -28.48 -1.87
C ASP A 62 8.66 -28.04 -3.02
N ILE A 63 8.38 -26.76 -3.09
CA ILE A 63 7.40 -26.26 -4.06
C ILE A 63 7.90 -26.29 -5.51
N THR A 64 9.18 -26.60 -5.72
CA THR A 64 9.68 -26.86 -7.09
C THR A 64 9.30 -28.27 -7.55
N ASP A 65 8.86 -29.12 -6.63
CA ASP A 65 8.27 -30.43 -6.99
C ASP A 65 6.82 -30.21 -7.47
N SER A 66 6.70 -29.92 -8.75
CA SER A 66 5.44 -29.49 -9.34
C SER A 66 4.26 -30.44 -9.11
N GLN A 67 4.50 -31.75 -9.24
CA GLN A 67 3.40 -32.72 -9.13
C GLN A 67 2.87 -32.77 -7.70
N ARG A 68 3.78 -32.72 -6.73
CA ARG A 68 3.40 -32.70 -5.32
C ARG A 68 2.58 -31.43 -4.99
N LEU A 69 3.03 -30.29 -5.52
CA LEU A 69 2.31 -29.03 -5.31
C LEU A 69 0.86 -29.14 -5.83
N GLN A 70 0.72 -29.68 -7.03
CA GLN A 70 -0.59 -29.86 -7.65
C GLN A 70 -1.52 -30.68 -6.78
N ARG A 71 -1.02 -31.77 -6.21
CA ARG A 71 -1.87 -32.64 -5.38
C ARG A 71 -2.34 -31.93 -4.12
N LEU A 72 -1.46 -31.12 -3.55
CA LEU A 72 -1.85 -30.35 -2.38
C LEU A 72 -2.99 -29.40 -2.72
N PHE A 73 -2.87 -28.67 -3.83
CA PHE A 73 -3.91 -27.73 -4.22
C PHE A 73 -5.22 -28.45 -4.51
N GLU A 74 -5.14 -29.57 -5.23
CA GLU A 74 -6.33 -30.37 -5.54
C GLU A 74 -7.05 -30.92 -4.30
N ALA A 75 -6.33 -31.09 -3.20
CA ALA A 75 -6.93 -31.55 -1.95
C ALA A 75 -7.60 -30.44 -1.14
N LEU A 76 -7.37 -29.17 -1.47
CA LEU A 76 -8.00 -28.07 -0.73
C LEU A 76 -9.46 -27.90 -1.17
N PRO A 77 -10.39 -27.83 -0.22
CA PRO A 77 -11.79 -27.61 -0.59
C PRO A 77 -12.07 -26.15 -0.93
N ARG A 78 -11.29 -25.23 -0.36
CA ARG A 78 -11.37 -23.84 -0.77
C ARG A 78 -10.06 -23.12 -0.56
N LEU A 79 -9.92 -22.01 -1.25
CA LEU A 79 -8.76 -21.13 -1.05
C LEU A 79 -9.19 -19.72 -1.40
N ASP A 80 -8.92 -18.81 -0.47
CA ASP A 80 -9.27 -17.42 -0.59
C ASP A 80 -8.06 -16.52 -0.84
N VAL A 81 -6.92 -16.90 -0.29
CA VAL A 81 -5.70 -16.08 -0.37
C VAL A 81 -4.46 -16.98 -0.56
N LEU A 82 -3.65 -16.66 -1.57
CA LEU A 82 -2.36 -17.28 -1.81
C LEU A 82 -1.26 -16.26 -1.58
N VAL A 83 -0.28 -16.59 -0.75
CA VAL A 83 0.87 -15.73 -0.51
C VAL A 83 2.13 -16.46 -1.03
N ASN A 84 2.72 -15.92 -2.09
CA ASN A 84 3.92 -16.47 -2.69
C ASN A 84 5.12 -15.81 -2.02
N ASN A 85 5.53 -16.35 -0.89
CA ASN A 85 6.64 -15.77 -0.11
C ASN A 85 7.94 -16.54 -0.31
N ALA A 86 7.85 -17.77 -0.83
CA ALA A 86 9.03 -18.61 -1.01
C ALA A 86 10.01 -17.90 -1.91
N GLY A 87 11.25 -17.80 -1.45
CA GLY A 87 12.30 -17.15 -2.21
C GLY A 87 13.63 -17.47 -1.58
N ILE A 88 14.67 -17.55 -2.40
CA ILE A 88 16.02 -17.76 -1.90
C ILE A 88 17.00 -16.89 -2.67
N SER A 89 18.17 -16.69 -2.08
CA SER A 89 19.33 -16.12 -2.79
C SER A 89 20.53 -17.00 -2.49
N ARG A 90 21.45 -17.12 -3.44
CA ARG A 90 22.75 -17.78 -3.22
C ARG A 90 23.90 -16.79 -3.36
N ASP A 91 23.57 -15.50 -3.23
CA ASP A 91 24.56 -14.42 -3.30
C ASP A 91 25.47 -14.59 -4.51
N ARG A 92 26.78 -14.49 -4.36
CA ARG A 92 27.65 -14.43 -5.54
C ARG A 92 27.77 -15.74 -6.31
N GLU A 93 27.30 -16.84 -5.72
CA GLU A 93 27.17 -18.10 -6.47
C GLU A 93 26.18 -17.96 -7.63
N GLU A 94 25.31 -16.95 -7.57
CA GLU A 94 24.34 -16.70 -8.65
C GLU A 94 24.98 -16.31 -10.00
N TYR A 95 26.29 -16.02 -10.01
CA TYR A 95 27.01 -15.81 -11.28
C TYR A 95 27.20 -17.12 -12.06
N ASP A 96 27.10 -18.26 -11.36
CA ASP A 96 27.11 -19.58 -12.00
C ASP A 96 25.72 -19.84 -12.57
N LEU A 97 25.63 -20.19 -13.86
CA LEU A 97 24.34 -20.30 -14.53
C LEU A 97 23.36 -21.33 -13.90
N ALA A 98 23.84 -22.50 -13.52
CA ALA A 98 22.98 -23.47 -12.85
C ALA A 98 22.34 -22.87 -11.58
N THR A 99 23.13 -22.12 -10.82
CA THR A 99 22.64 -21.52 -9.58
C THR A 99 21.68 -20.38 -9.89
N PHE A 100 22.02 -19.57 -10.88
CA PHE A 100 21.14 -18.51 -11.38
C PHE A 100 19.77 -19.10 -11.67
N GLU A 101 19.74 -20.20 -12.43
CA GLU A 101 18.45 -20.79 -12.84
C GLU A 101 17.70 -21.41 -11.66
N ARG A 102 18.44 -21.95 -10.69
CA ARG A 102 17.81 -22.51 -9.49
C ARG A 102 17.06 -21.42 -8.72
N VAL A 103 17.69 -20.26 -8.58
CA VAL A 103 17.07 -19.13 -7.88
C VAL A 103 15.83 -18.67 -8.63
N LEU A 104 15.92 -18.54 -9.95
CA LEU A 104 14.76 -18.14 -10.74
C LEU A 104 13.61 -19.15 -10.62
N ARG A 105 13.96 -20.43 -10.59
CA ARG A 105 12.97 -21.50 -10.52
C ARG A 105 12.16 -21.43 -9.25
N LEU A 106 12.82 -21.18 -8.14
CA LEU A 106 12.11 -21.07 -6.87
C LEU A 106 11.36 -19.75 -6.74
N ASN A 107 12.03 -18.65 -7.03
CA ASN A 107 11.48 -17.32 -6.80
C ASN A 107 10.39 -16.93 -7.79
N LEU A 108 10.52 -17.36 -9.04
CA LEU A 108 9.61 -16.95 -10.10
C LEU A 108 8.73 -18.10 -10.60
N SER A 109 9.34 -19.17 -11.12
CA SER A 109 8.55 -20.26 -11.68
C SER A 109 7.58 -20.88 -10.67
N ALA A 110 8.04 -21.11 -9.45
CA ALA A 110 7.20 -21.69 -8.41
C ALA A 110 6.01 -20.77 -8.07
N ALA A 111 6.23 -19.46 -8.11
CA ALA A 111 5.15 -18.50 -7.87
C ALA A 111 4.13 -18.52 -9.01
N MET A 112 4.61 -18.65 -10.24
CA MET A 112 3.75 -18.76 -11.40
C MET A 112 2.90 -20.02 -11.28
N LEU A 113 3.55 -21.14 -10.94
CA LEU A 113 2.81 -22.40 -10.81
C LEU A 113 1.79 -22.35 -9.68
N ALA A 114 2.21 -21.87 -8.51
CA ALA A 114 1.29 -21.78 -7.39
C ALA A 114 0.08 -20.92 -7.74
N SER A 115 0.31 -19.81 -8.43
CA SER A 115 -0.77 -18.92 -8.82
C SER A 115 -1.76 -19.63 -9.74
N GLN A 116 -1.25 -20.36 -10.72
CA GLN A 116 -2.10 -21.07 -11.65
C GLN A 116 -2.86 -22.22 -10.99
N LEU A 117 -2.22 -22.90 -10.04
CA LEU A 117 -2.90 -23.95 -9.30
C LEU A 117 -3.95 -23.37 -8.34
N ALA A 118 -3.67 -22.20 -7.77
CA ALA A 118 -4.62 -21.55 -6.87
C ALA A 118 -5.81 -20.98 -7.63
N ARG A 119 -5.59 -20.58 -8.88
CA ARG A 119 -6.55 -19.81 -9.63
C ARG A 119 -8.01 -20.31 -9.61
N PRO A 120 -8.25 -21.62 -9.89
CA PRO A 120 -9.65 -22.09 -9.89
C PRO A 120 -10.35 -21.98 -8.53
N LEU A 121 -9.60 -22.16 -7.44
CA LEU A 121 -10.18 -22.04 -6.12
C LEU A 121 -10.42 -20.58 -5.78
N LEU A 122 -9.46 -19.72 -6.12
CA LEU A 122 -9.59 -18.30 -5.86
C LEU A 122 -10.73 -17.71 -6.65
N ALA A 123 -11.00 -18.25 -7.82
CA ALA A 123 -12.06 -17.75 -8.70
C ALA A 123 -13.50 -17.99 -8.16
N GLN A 124 -13.66 -19.02 -7.31
CA GLN A 124 -15.01 -19.46 -6.93
C GLN A 124 -15.83 -18.35 -6.29
N ARG A 125 -15.22 -17.63 -5.35
CA ARG A 125 -15.86 -16.45 -4.71
C ARG A 125 -15.02 -15.19 -4.87
N GLY A 126 -13.98 -15.25 -5.71
CA GLY A 126 -12.96 -14.23 -5.70
C GLY A 126 -12.00 -14.43 -4.53
N GLY A 127 -10.92 -13.66 -4.56
CA GLY A 127 -9.87 -13.76 -3.59
C GLY A 127 -8.66 -12.95 -4.01
N SER A 128 -7.50 -13.31 -3.50
CA SER A 128 -6.31 -12.51 -3.78
C SER A 128 -5.03 -13.33 -3.77
N ILE A 129 -4.03 -12.77 -4.44
CA ILE A 129 -2.69 -13.31 -4.41
C ILE A 129 -1.79 -12.17 -3.97
N LEU A 130 -0.86 -12.51 -3.09
CA LEU A 130 0.16 -11.58 -2.64
C LEU A 130 1.55 -12.16 -2.95
N ASN A 131 2.35 -11.43 -3.73
CA ASN A 131 3.71 -11.81 -4.02
C ASN A 131 4.68 -10.94 -3.19
N ILE A 132 5.89 -11.44 -2.97
CA ILE A 132 6.90 -10.70 -2.19
C ILE A 132 7.99 -10.22 -3.14
N ALA A 133 8.12 -8.91 -3.25
CA ALA A 133 9.16 -8.31 -4.08
C ALA A 133 10.37 -8.00 -3.20
N SER A 134 11.07 -6.90 -3.49
CA SER A 134 12.31 -6.59 -2.75
C SER A 134 12.77 -5.18 -3.08
N MET A 135 13.65 -4.63 -2.25
CA MET A 135 14.40 -3.46 -2.64
C MET A 135 15.12 -3.70 -4.00
N TYR A 136 15.48 -4.96 -4.27
CA TYR A 136 16.18 -5.34 -5.48
C TYR A 136 15.28 -5.56 -6.70
N SER A 137 13.98 -5.27 -6.54
CA SER A 137 13.09 -5.00 -7.68
C SER A 137 13.33 -3.62 -8.30
N THR A 138 13.98 -2.74 -7.55
CA THR A 138 14.29 -1.35 -7.99
C THR A 138 15.80 -1.16 -8.14
N PHE A 139 16.53 -1.33 -7.05
CA PHE A 139 17.99 -1.27 -7.11
C PHE A 139 18.49 -2.56 -7.72
N GLY A 140 19.60 -2.50 -8.42
CA GLY A 140 20.34 -3.72 -8.78
C GLY A 140 21.08 -4.26 -7.57
N SER A 141 21.57 -5.50 -7.69
CA SER A 141 22.47 -6.09 -6.69
C SER A 141 23.63 -6.79 -7.37
N ALA A 142 24.82 -6.21 -7.30
CA ALA A 142 26.05 -6.87 -7.79
C ALA A 142 26.24 -8.23 -7.15
N ASP A 143 25.88 -8.36 -5.87
CA ASP A 143 26.13 -9.61 -5.12
C ASP A 143 25.08 -10.69 -5.30
N ARG A 144 23.95 -10.34 -5.90
CA ARG A 144 22.91 -11.34 -6.14
C ARG A 144 22.08 -10.99 -7.39
N PRO A 145 22.71 -11.15 -8.55
CA PRO A 145 22.06 -10.82 -9.82
C PRO A 145 20.83 -11.64 -10.12
N ALA A 146 20.81 -12.92 -9.74
CA ALA A 146 19.65 -13.77 -10.00
C ALA A 146 18.50 -13.36 -9.07
N TYR A 147 18.83 -13.04 -7.82
CA TYR A 147 17.79 -12.63 -6.89
C TYR A 147 17.14 -11.34 -7.37
N SER A 148 17.96 -10.38 -7.76
CA SER A 148 17.44 -9.13 -8.29
C SER A 148 16.60 -9.35 -9.55
N ALA A 149 17.14 -10.09 -10.53
CA ALA A 149 16.38 -10.42 -11.72
C ALA A 149 15.03 -11.03 -11.37
N SER A 150 15.04 -11.99 -10.44
CA SER A 150 13.83 -12.70 -10.05
C SER A 150 12.80 -11.75 -9.42
N LYS A 151 13.28 -10.74 -8.70
CA LYS A 151 12.37 -9.83 -8.03
C LYS A 151 11.83 -8.77 -8.96
N GLY A 152 12.59 -8.41 -9.99
CA GLY A 152 12.04 -7.60 -11.11
C GLY A 152 10.98 -8.41 -11.85
N ALA A 153 11.25 -9.69 -12.07
CA ALA A 153 10.29 -10.57 -12.71
C ALA A 153 8.98 -10.71 -11.93
N ILE A 154 9.10 -10.84 -10.61
CA ILE A 154 7.95 -10.99 -9.73
C ILE A 154 7.02 -9.78 -9.79
N VAL A 155 7.58 -8.59 -9.91
CA VAL A 155 6.76 -7.37 -10.08
C VAL A 155 6.00 -7.41 -11.40
N GLN A 156 6.67 -7.75 -12.51
CA GLN A 156 5.94 -7.84 -13.78
C GLN A 156 4.94 -9.02 -13.81
N LEU A 157 5.25 -10.11 -13.13
CA LEU A 157 4.28 -11.21 -13.02
C LEU A 157 3.05 -10.75 -12.23
N THR A 158 3.28 -9.97 -11.18
CA THR A 158 2.20 -9.42 -10.37
C THR A 158 1.28 -8.58 -11.26
N ARG A 159 1.89 -7.70 -12.05
CA ARG A 159 1.12 -6.83 -12.94
C ARG A 159 0.38 -7.61 -14.03
N SER A 160 1.03 -8.64 -14.57
CA SER A 160 0.48 -9.45 -15.66
C SER A 160 -0.72 -10.27 -15.21
N LEU A 161 -0.57 -10.94 -14.06
CA LEU A 161 -1.63 -11.76 -13.53
C LEU A 161 -2.76 -10.92 -12.95
N ALA A 162 -2.44 -9.72 -12.45
CA ALA A 162 -3.51 -8.78 -12.09
C ALA A 162 -4.44 -8.51 -13.28
N CYS A 163 -3.87 -8.32 -14.47
CA CYS A 163 -4.65 -8.09 -15.66
C CYS A 163 -5.45 -9.35 -16.05
N GLU A 164 -4.79 -10.50 -16.01
CA GLU A 164 -5.41 -11.75 -16.43
C GLU A 164 -6.49 -12.21 -15.49
N TYR A 165 -6.24 -12.12 -14.18
CA TYR A 165 -7.14 -12.72 -13.21
C TYR A 165 -8.31 -11.81 -12.77
N ALA A 166 -8.31 -10.55 -13.19
CA ALA A 166 -9.31 -9.59 -12.72
C ALA A 166 -10.76 -10.06 -12.99
N ALA A 167 -11.00 -10.63 -14.18
CA ALA A 167 -12.33 -11.11 -14.55
C ALA A 167 -12.82 -12.29 -13.70
N GLU A 168 -11.94 -12.87 -12.90
CA GLU A 168 -12.34 -13.89 -11.89
C GLU A 168 -12.37 -13.33 -10.47
N ARG A 169 -12.34 -11.99 -10.36
CA ARG A 169 -12.37 -11.30 -9.07
C ARG A 169 -11.19 -11.71 -8.18
N ILE A 170 -10.04 -11.96 -8.81
CA ILE A 170 -8.83 -12.23 -8.05
C ILE A 170 -7.93 -11.02 -8.20
N ARG A 171 -7.57 -10.40 -7.09
CA ARG A 171 -6.63 -9.28 -7.09
C ARG A 171 -5.23 -9.85 -6.85
N VAL A 172 -4.22 -9.22 -7.45
CA VAL A 172 -2.85 -9.70 -7.37
C VAL A 172 -1.95 -8.52 -7.06
N ASN A 173 -1.33 -8.54 -5.87
CA ASN A 173 -0.49 -7.45 -5.43
C ASN A 173 0.85 -7.97 -4.93
N ALA A 174 1.76 -7.04 -4.62
CA ALA A 174 3.04 -7.40 -3.99
C ALA A 174 3.40 -6.46 -2.86
N ILE A 175 4.20 -6.95 -1.92
CA ILE A 175 4.90 -6.10 -0.95
C ILE A 175 6.39 -6.13 -1.30
N ALA A 176 7.02 -4.96 -1.31
CA ALA A 176 8.48 -4.85 -1.41
C ALA A 176 9.00 -4.57 -0.01
N PRO A 177 9.40 -5.61 0.72
CA PRO A 177 9.95 -5.35 2.03
C PRO A 177 11.31 -4.68 1.92
N GLY A 178 11.67 -3.89 2.92
CA GLY A 178 13.04 -3.37 3.04
C GLY A 178 13.93 -4.40 3.71
N TRP A 179 14.64 -3.98 4.76
CA TRP A 179 15.59 -4.79 5.48
C TRP A 179 14.92 -5.24 6.76
N ILE A 180 14.51 -6.50 6.78
CA ILE A 180 13.67 -7.03 7.83
C ILE A 180 14.55 -7.91 8.75
N ASP A 181 14.50 -7.67 10.04
CA ASP A 181 15.35 -8.41 10.96
C ASP A 181 14.66 -9.76 11.23
N THR A 182 15.17 -10.82 10.61
CA THR A 182 14.67 -12.16 10.88
C THR A 182 15.88 -13.03 11.19
N PRO A 183 15.68 -14.09 11.99
CA PRO A 183 16.75 -15.09 12.17
C PRO A 183 17.22 -15.75 10.85
N LEU A 184 16.45 -15.63 9.78
CA LEU A 184 16.89 -16.04 8.43
C LEU A 184 18.19 -15.34 8.00
N GLY A 185 18.34 -14.07 8.37
CA GLY A 185 19.51 -13.27 7.97
C GLY A 185 20.21 -12.57 9.13
N ALA A 186 20.36 -13.28 10.25
CA ALA A 186 21.03 -12.74 11.43
C ALA A 186 22.53 -12.51 11.20
N GLY A 187 23.08 -13.11 10.15
CA GLY A 187 24.48 -12.89 9.75
C GLY A 187 24.76 -11.55 9.11
N LEU A 188 23.76 -10.98 8.44
CA LEU A 188 23.87 -9.62 7.87
C LEU A 188 24.10 -8.54 8.94
N LYS A 189 23.57 -8.77 10.14
CA LYS A 189 23.82 -7.90 11.29
C LYS A 189 25.21 -8.11 11.86
N ALA A 190 25.72 -9.34 11.76
CA ALA A 190 27.10 -9.66 12.14
C ALA A 190 28.09 -8.84 11.29
N ASP A 191 27.66 -8.46 10.09
CA ASP A 191 28.42 -7.53 9.26
C ASP A 191 28.11 -6.09 9.67
N VAL A 192 29.03 -5.47 10.41
CA VAL A 192 28.86 -4.11 10.95
C VAL A 192 28.83 -3.05 9.84
N GLU A 193 29.57 -3.32 8.77
CA GLU A 193 29.69 -2.37 7.68
C GLU A 193 28.43 -2.29 6.83
N ALA A 194 27.91 -3.45 6.45
CA ALA A 194 26.67 -3.52 5.68
C ALA A 194 25.57 -2.87 6.47
N THR A 195 25.47 -3.21 7.75
CA THR A 195 24.46 -2.64 8.64
C THR A 195 24.55 -1.11 8.66
N ARG A 196 25.75 -0.57 8.85
CA ARG A 196 25.91 0.88 8.89
C ARG A 196 25.44 1.50 7.56
N ARG A 197 25.74 0.86 6.45
CA ARG A 197 25.36 1.41 5.14
C ARG A 197 23.84 1.40 4.96
N ILE A 198 23.22 0.31 5.38
CA ILE A 198 21.78 0.19 5.32
C ILE A 198 21.11 1.23 6.20
N MET A 199 21.55 1.33 7.45
CA MET A 199 20.96 2.26 8.41
C MET A 199 21.09 3.69 7.96
N GLN A 200 22.24 4.03 7.38
CA GLN A 200 22.45 5.34 6.83
C GLN A 200 21.45 5.67 5.69
N ARG A 201 20.99 4.67 4.95
CA ARG A 201 19.99 4.90 3.89
C ARG A 201 18.55 4.61 4.31
N THR A 202 18.31 4.35 5.59
CA THR A 202 16.94 4.08 6.07
C THR A 202 16.43 5.26 6.92
N PRO A 203 15.47 6.04 6.40
CA PRO A 203 14.95 7.15 7.19
C PRO A 203 14.47 6.75 8.59
N LEU A 204 13.76 5.66 8.73
CA LEU A 204 13.34 5.24 10.06
C LEU A 204 14.49 4.71 10.95
N ALA A 205 15.66 4.51 10.37
CA ALA A 205 16.89 4.25 11.11
C ALA A 205 16.82 2.98 11.95
N ARG A 206 16.10 1.96 11.45
CA ARG A 206 16.04 0.69 12.15
C ARG A 206 15.75 -0.42 11.17
N TRP A 207 15.90 -1.65 11.63
CA TRP A 207 15.38 -2.80 10.90
C TRP A 207 13.88 -2.82 10.94
N GLY A 208 13.28 -3.33 9.87
CA GLY A 208 11.88 -3.72 9.93
C GLY A 208 11.69 -5.01 10.72
N GLU A 209 10.47 -5.27 11.18
CA GLU A 209 10.13 -6.55 11.85
C GLU A 209 9.08 -7.30 11.01
N ALA A 210 9.14 -8.62 11.06
CA ALA A 210 8.27 -9.48 10.26
C ALA A 210 6.76 -9.15 10.40
N PRO A 211 6.28 -8.89 11.62
CA PRO A 211 4.85 -8.58 11.76
C PRO A 211 4.41 -7.28 11.05
N GLU A 212 5.36 -6.39 10.79
CA GLU A 212 5.08 -5.17 10.06
C GLU A 212 4.82 -5.45 8.57
N VAL A 213 5.51 -6.42 8.00
CA VAL A 213 5.19 -6.90 6.65
C VAL A 213 3.84 -7.62 6.67
N ALA A 214 3.62 -8.44 7.70
CA ALA A 214 2.38 -9.20 7.83
C ALA A 214 1.14 -8.33 7.91
N SER A 215 1.20 -7.21 8.63
CA SER A 215 0.03 -6.34 8.73
C SER A 215 -0.33 -5.76 7.38
N ALA A 216 0.68 -5.38 6.60
CA ALA A 216 0.46 -4.95 5.23
C ALA A 216 -0.22 -6.05 4.38
N ALA A 217 0.22 -7.29 4.55
CA ALA A 217 -0.38 -8.44 3.86
C ALA A 217 -1.86 -8.56 4.19
N ALA A 218 -2.19 -8.42 5.47
CA ALA A 218 -3.58 -8.55 5.95
C ALA A 218 -4.47 -7.46 5.36
N PHE A 219 -3.91 -6.27 5.12
CA PHE A 219 -4.64 -5.20 4.45
C PHE A 219 -4.87 -5.50 2.98
N LEU A 220 -3.80 -5.80 2.25
CA LEU A 220 -3.86 -5.94 0.80
C LEU A 220 -4.75 -7.10 0.37
N CYS A 221 -4.85 -8.12 1.20
CA CYS A 221 -5.63 -9.31 0.86
C CYS A 221 -7.07 -9.26 1.37
N GLY A 222 -7.50 -8.12 1.91
CA GLY A 222 -8.86 -7.97 2.45
C GLY A 222 -9.72 -6.91 1.78
N PRO A 223 -10.97 -6.74 2.26
CA PRO A 223 -11.97 -5.85 1.61
C PRO A 223 -11.62 -4.37 1.65
N GLY A 224 -10.71 -3.96 2.53
CA GLY A 224 -10.27 -2.57 2.52
C GLY A 224 -9.44 -2.25 1.31
N ALA A 225 -8.99 -3.29 0.58
CA ALA A 225 -8.15 -3.13 -0.59
C ALA A 225 -8.89 -3.56 -1.86
N SER A 226 -10.22 -3.38 -1.86
CA SER A 226 -11.09 -3.84 -2.94
C SER A 226 -10.75 -3.25 -4.32
N PHE A 227 -10.18 -2.05 -4.38
CA PHE A 227 -9.83 -1.46 -5.67
C PHE A 227 -8.30 -1.47 -5.87
N VAL A 228 -7.61 -2.34 -5.13
CA VAL A 228 -6.17 -2.44 -5.21
C VAL A 228 -5.80 -3.75 -5.89
N THR A 229 -5.30 -3.63 -7.12
CA THR A 229 -4.74 -4.77 -7.82
C THR A 229 -3.59 -4.34 -8.74
N GLY A 230 -2.60 -5.20 -8.86
CA GLY A 230 -1.41 -4.89 -9.64
C GLY A 230 -0.44 -3.95 -8.93
N ALA A 231 -0.66 -3.73 -7.63
CA ALA A 231 0.10 -2.74 -6.88
C ALA A 231 1.28 -3.38 -6.14
N VAL A 232 2.35 -2.60 -5.99
CA VAL A 232 3.46 -2.94 -5.12
C VAL A 232 3.50 -1.92 -3.98
N LEU A 233 3.44 -2.40 -2.75
CA LEU A 233 3.54 -1.55 -1.56
C LEU A 233 4.89 -1.75 -0.89
N ALA A 234 5.66 -0.67 -0.79
CA ALA A 234 6.95 -0.70 -0.13
C ALA A 234 6.74 -0.67 1.38
N VAL A 235 7.38 -1.60 2.09
CA VAL A 235 7.34 -1.68 3.54
C VAL A 235 8.81 -1.72 3.96
N ASP A 236 9.44 -0.54 3.98
CA ASP A 236 10.90 -0.45 3.93
C ASP A 236 11.54 0.66 4.77
N GLY A 237 10.75 1.30 5.64
CA GLY A 237 11.28 2.36 6.48
C GLY A 237 11.82 3.55 5.71
N GLY A 238 11.43 3.69 4.43
CA GLY A 238 11.87 4.80 3.61
C GLY A 238 13.08 4.54 2.75
N TYR A 239 13.62 3.32 2.79
CA TYR A 239 14.88 3.02 2.13
C TYR A 239 14.87 3.43 0.67
N LEU A 240 13.78 3.16 -0.04
CA LEU A 240 13.70 3.51 -1.47
C LEU A 240 13.89 5.01 -1.73
N CYS A 241 13.62 5.84 -0.73
CA CYS A 241 13.66 7.30 -0.88
C CYS A 241 15.03 7.96 -0.68
N ALA A 242 15.95 7.27 -0.01
CA ALA A 242 17.17 7.87 0.45
C ALA A 242 18.26 7.81 -0.63
N MET B 2 -15.98 -2.99 10.21
CA MET B 2 -16.01 -4.09 9.20
C MET B 2 -14.61 -4.59 8.81
N VAL B 3 -13.69 -3.68 8.50
CA VAL B 3 -12.29 -4.06 8.24
C VAL B 3 -11.42 -3.77 9.47
N PHE B 4 -11.53 -2.55 10.00
CA PHE B 4 -10.70 -2.09 11.11
C PHE B 4 -11.46 -2.18 12.43
N GLN B 5 -10.75 -2.38 13.53
CA GLN B 5 -11.36 -2.29 14.88
C GLN B 5 -11.94 -0.89 15.12
N HIS B 6 -13.06 -0.82 15.86
CA HIS B 6 -13.87 0.39 15.85
CA HIS B 6 -13.92 0.37 15.98
C HIS B 6 -13.32 1.64 16.50
N ASP B 7 -12.26 1.53 17.30
CA ASP B 7 -11.76 2.73 18.01
C ASP B 7 -10.26 2.83 17.90
N ILE B 8 -9.70 2.34 16.78
CA ILE B 8 -8.26 2.36 16.61
C ILE B 8 -7.70 3.78 16.56
N TYR B 9 -8.52 4.79 16.27
CA TYR B 9 -8.06 6.20 16.29
C TYR B 9 -8.70 7.00 17.40
N ALA B 10 -9.29 6.31 18.39
CA ALA B 10 -9.88 6.98 19.55
C ALA B 10 -8.90 7.92 20.22
N GLY B 11 -9.33 9.12 20.52
CA GLY B 11 -8.50 10.11 21.20
C GLY B 11 -7.53 10.84 20.28
N GLN B 12 -7.52 10.52 19.00
CA GLN B 12 -6.62 11.18 18.07
C GLN B 12 -7.33 12.26 17.29
N GLN B 13 -6.54 13.15 16.68
CA GLN B 13 -7.04 14.26 15.87
C GLN B 13 -6.48 14.12 14.45
N VAL B 14 -7.37 14.23 13.48
CA VAL B 14 -7.04 14.17 12.06
C VAL B 14 -7.46 15.50 11.42
N LEU B 15 -6.69 15.98 10.45
CA LEU B 15 -7.11 17.11 9.63
C LEU B 15 -7.04 16.73 8.16
N VAL B 16 -8.13 16.95 7.44
CA VAL B 16 -8.23 16.60 6.01
C VAL B 16 -8.45 17.89 5.22
N THR B 17 -7.51 18.24 4.36
CA THR B 17 -7.70 19.36 3.44
C THR B 17 -8.52 18.82 2.24
N GLY B 18 -9.28 19.70 1.61
CA GLY B 18 -10.18 19.26 0.56
C GLY B 18 -11.23 18.28 1.12
N GLY B 19 -11.69 18.54 2.33
CA GLY B 19 -12.47 17.57 3.07
C GLY B 19 -13.96 17.67 2.88
N SER B 20 -14.40 18.59 2.04
CA SER B 20 -15.82 18.93 1.98
C SER B 20 -16.61 18.17 0.90
N SER B 21 -15.93 17.39 0.06
CA SER B 21 -16.60 16.50 -0.89
C SER B 21 -15.67 15.40 -1.35
N GLY B 22 -16.22 14.48 -2.15
CA GLY B 22 -15.44 13.46 -2.83
C GLY B 22 -14.55 12.62 -1.94
N ILE B 23 -13.33 12.42 -2.39
CA ILE B 23 -12.36 11.58 -1.68
C ILE B 23 -12.08 12.13 -0.29
N GLY B 24 -11.94 13.45 -0.18
CA GLY B 24 -11.68 14.06 1.13
C GLY B 24 -12.76 13.79 2.15
N ALA B 25 -14.01 13.93 1.73
CA ALA B 25 -15.17 13.67 2.59
C ALA B 25 -15.18 12.21 3.02
N ALA B 26 -14.93 11.30 2.10
CA ALA B 26 -14.87 9.87 2.42
C ALA B 26 -13.74 9.53 3.42
N ILE B 27 -12.59 10.19 3.25
CA ILE B 27 -11.48 10.01 4.17
C ILE B 27 -11.87 10.51 5.58
N ALA B 28 -12.45 11.71 5.65
CA ALA B 28 -12.89 12.29 6.90
C ALA B 28 -13.85 11.36 7.65
N MET B 29 -14.85 10.85 6.93
CA MET B 29 -15.84 9.93 7.47
C MET B 29 -15.20 8.65 7.98
N GLN B 30 -14.25 8.12 7.24
CA GLN B 30 -13.59 6.87 7.62
C GLN B 30 -12.80 7.00 8.91
N PHE B 31 -12.02 8.07 9.05
CA PHE B 31 -11.30 8.30 10.32
C PHE B 31 -12.25 8.54 11.51
N ALA B 32 -13.29 9.36 11.29
CA ALA B 32 -14.32 9.61 12.31
C ALA B 32 -14.98 8.32 12.79
N GLU B 33 -15.35 7.44 11.85
CA GLU B 33 -15.95 6.16 12.19
C GLU B 33 -15.02 5.22 12.96
N LEU B 34 -13.70 5.45 12.90
CA LEU B 34 -12.73 4.69 13.69
C LEU B 34 -12.29 5.40 14.96
N GLY B 35 -13.06 6.43 15.35
CA GLY B 35 -12.88 7.08 16.67
C GLY B 35 -12.18 8.42 16.66
N ALA B 36 -11.61 8.84 15.54
CA ALA B 36 -10.87 10.09 15.50
C ALA B 36 -11.79 11.29 15.54
N GLU B 37 -11.34 12.36 16.19
CA GLU B 37 -11.85 13.70 15.94
C GLU B 37 -11.21 14.19 14.63
N VAL B 38 -12.02 14.75 13.73
CA VAL B 38 -11.56 15.16 12.40
C VAL B 38 -11.96 16.60 12.14
N VAL B 39 -11.02 17.39 11.61
CA VAL B 39 -11.35 18.68 11.04
C VAL B 39 -11.32 18.52 9.53
N ALA B 40 -12.45 18.80 8.88
CA ALA B 40 -12.55 18.73 7.41
C ALA B 40 -12.56 20.14 6.88
N LEU B 41 -11.50 20.50 6.16
CA LEU B 41 -11.31 21.84 5.61
C LEU B 41 -11.62 21.88 4.15
N GLY B 42 -12.32 22.91 3.72
CA GLY B 42 -12.49 23.13 2.29
C GLY B 42 -13.56 24.16 1.98
N LEU B 43 -13.86 24.32 0.70
CA LEU B 43 -14.89 25.23 0.25
C LEU B 43 -16.24 24.53 0.28
N ASP B 44 -17.32 25.28 0.47
CA ASP B 44 -18.66 24.72 0.54
C ASP B 44 -18.73 23.67 1.67
N ALA B 45 -18.29 24.09 2.84
CA ALA B 45 -18.12 23.20 4.00
C ALA B 45 -19.41 22.58 4.51
N ASP B 46 -20.56 23.22 4.26
CA ASP B 46 -21.87 22.69 4.66
C ASP B 46 -22.68 22.23 3.45
N GLY B 47 -22.02 22.02 2.33
CA GLY B 47 -22.71 21.57 1.11
C GLY B 47 -23.26 20.16 1.22
N VAL B 48 -23.99 19.75 0.19
CA VAL B 48 -24.65 18.45 0.15
C VAL B 48 -23.72 17.25 0.39
N HIS B 49 -22.48 17.35 -0.10
CA HIS B 49 -21.52 16.24 -0.05
C HIS B 49 -20.57 16.29 1.13
N ALA B 50 -20.74 17.26 2.02
CA ALA B 50 -19.85 17.42 3.16
C ALA B 50 -20.02 16.24 4.12
N PRO B 51 -18.93 15.82 4.76
CA PRO B 51 -19.04 14.70 5.71
C PRO B 51 -19.71 15.15 7.02
N ARG B 52 -20.86 14.54 7.31
CA ARG B 52 -21.60 14.82 8.56
C ARG B 52 -21.47 13.69 9.57
N HIS B 53 -20.94 14.02 10.74
CA HIS B 53 -20.65 13.05 11.79
C HIS B 53 -20.40 13.80 13.06
N PRO B 54 -20.80 13.26 14.23
CA PRO B 54 -20.55 14.03 15.46
C PRO B 54 -19.07 14.30 15.78
N ARG B 55 -18.15 13.51 15.22
CA ARG B 55 -16.72 13.77 15.43
C ARG B 55 -16.03 14.55 14.29
N ILE B 56 -16.80 15.06 13.35
CA ILE B 56 -16.22 15.86 12.26
C ILE B 56 -16.66 17.31 12.39
N ARG B 57 -15.68 18.18 12.60
CA ARG B 57 -15.87 19.62 12.55
C ARG B 57 -15.54 20.11 11.13
N ARG B 58 -16.52 20.75 10.50
CA ARG B 58 -16.39 21.21 9.12
C ARG B 58 -15.99 22.67 9.15
N GLU B 59 -14.95 23.02 8.41
CA GLU B 59 -14.44 24.38 8.43
C GLU B 59 -14.30 24.93 7.02
N GLU B 60 -14.94 26.08 6.79
CA GLU B 60 -14.84 26.80 5.52
C GLU B 60 -13.49 27.53 5.50
N LEU B 61 -12.63 27.15 4.58
CA LEU B 61 -11.30 27.73 4.52
C LEU B 61 -10.70 27.53 3.14
N ASP B 62 -10.19 28.60 2.55
CA ASP B 62 -9.41 28.52 1.33
C ASP B 62 -7.98 28.31 1.76
N ILE B 63 -7.42 27.11 1.53
CA ILE B 63 -6.10 26.77 2.06
C ILE B 63 -4.96 27.49 1.36
N THR B 64 -5.25 28.20 0.26
CA THR B 64 -4.23 29.08 -0.36
C THR B 64 -4.09 30.38 0.42
N ASP B 65 -5.04 30.67 1.31
CA ASP B 65 -4.90 31.79 2.24
C ASP B 65 -3.95 31.36 3.36
N SER B 66 -2.66 31.53 3.13
CA SER B 66 -1.64 30.99 4.01
C SER B 66 -1.75 31.44 5.47
N GLN B 67 -2.05 32.72 5.69
CA GLN B 67 -2.11 33.24 7.05
C GLN B 67 -3.28 32.65 7.82
N ARG B 68 -4.41 32.50 7.15
CA ARG B 68 -5.57 31.85 7.74
C ARG B 68 -5.30 30.38 8.09
N LEU B 69 -4.63 29.66 7.18
CA LEU B 69 -4.25 28.27 7.46
C LEU B 69 -3.38 28.18 8.70
N GLN B 70 -2.40 29.05 8.80
CA GLN B 70 -1.49 29.08 9.94
C GLN B 70 -2.24 29.26 11.26
N ARG B 71 -3.22 30.16 11.29
CA ARG B 71 -3.97 30.42 12.53
C ARG B 71 -4.77 29.21 12.94
N LEU B 72 -5.32 28.50 11.96
CA LEU B 72 -6.06 27.28 12.24
C LEU B 72 -5.15 26.25 12.90
N PHE B 73 -3.95 26.05 12.35
CA PHE B 73 -3.02 25.07 12.91
C PHE B 73 -2.58 25.46 14.31
N GLU B 74 -2.28 26.75 14.49
CA GLU B 74 -1.89 27.25 15.82
C GLU B 74 -2.98 27.09 16.89
N ALA B 75 -4.24 27.00 16.48
CA ALA B 75 -5.35 26.78 17.41
C ALA B 75 -5.57 25.30 17.77
N LEU B 76 -4.96 24.36 17.05
CA LEU B 76 -5.17 22.94 17.36
C LEU B 76 -4.35 22.53 18.56
N PRO B 77 -4.98 21.86 19.53
CA PRO B 77 -4.23 21.37 20.68
C PRO B 77 -3.43 20.11 20.37
N ARG B 78 -3.88 19.28 19.42
CA ARG B 78 -3.09 18.15 18.96
C ARG B 78 -3.40 17.79 17.52
N LEU B 79 -2.48 17.07 16.93
CA LEU B 79 -2.70 16.54 15.57
C LEU B 79 -1.85 15.29 15.41
N ASP B 80 -2.50 14.22 14.99
CA ASP B 80 -1.89 12.92 14.81
C ASP B 80 -1.77 12.54 13.33
N VAL B 81 -2.70 13.03 12.50
CA VAL B 81 -2.70 12.68 11.05
C VAL B 81 -3.11 13.91 10.24
N LEU B 82 -2.32 14.22 9.21
CA LEU B 82 -2.66 15.24 8.23
C LEU B 82 -2.88 14.54 6.89
N VAL B 83 -4.01 14.82 6.25
CA VAL B 83 -4.29 14.33 4.92
C VAL B 83 -4.37 15.52 3.96
N ASN B 84 -3.41 15.60 3.04
CA ASN B 84 -3.38 16.66 2.02
C ASN B 84 -4.12 16.16 0.78
N ASN B 85 -5.43 16.37 0.76
CA ASN B 85 -6.26 15.86 -0.32
C ASN B 85 -6.66 16.96 -1.30
N ALA B 86 -6.52 18.22 -0.88
CA ALA B 86 -6.96 19.35 -1.68
C ALA B 86 -6.23 19.31 -3.01
N GLY B 87 -6.99 19.42 -4.09
CA GLY B 87 -6.43 19.48 -5.42
C GLY B 87 -7.47 19.94 -6.43
N ILE B 88 -7.02 20.66 -7.46
CA ILE B 88 -7.89 21.09 -8.54
C ILE B 88 -7.19 20.91 -9.88
N SER B 89 -7.99 20.89 -10.94
CA SER B 89 -7.48 20.99 -12.30
C SER B 89 -8.35 22.01 -13.03
N ARG B 90 -7.76 22.72 -13.98
CA ARG B 90 -8.51 23.59 -14.88
C ARG B 90 -8.41 23.09 -16.31
N ASP B 91 -8.09 21.80 -16.46
CA ASP B 91 -7.94 21.16 -17.76
C ASP B 91 -7.12 22.01 -18.71
N ARG B 92 -7.59 22.25 -19.94
CA ARG B 92 -6.72 22.88 -20.93
C ARG B 92 -6.44 24.37 -20.68
N GLU B 93 -7.16 24.98 -19.74
CA GLU B 93 -6.82 26.34 -19.28
C GLU B 93 -5.45 26.37 -18.61
N GLU B 94 -4.97 25.20 -18.16
CA GLU B 94 -3.63 25.08 -17.53
C GLU B 94 -2.48 25.43 -18.47
N TYR B 95 -2.75 25.58 -19.77
CA TYR B 95 -1.71 26.05 -20.70
C TYR B 95 -1.40 27.55 -20.54
N ASP B 96 -2.33 28.27 -19.93
CA ASP B 96 -2.09 29.66 -19.52
C ASP B 96 -1.25 29.65 -18.24
N LEU B 97 -0.15 30.40 -18.21
CA LEU B 97 0.77 30.38 -17.08
C LEU B 97 0.16 30.76 -15.73
N ALA B 98 -0.69 31.79 -15.68
CA ALA B 98 -1.34 32.14 -14.41
C ALA B 98 -2.16 30.97 -13.89
N THR B 99 -2.85 30.28 -14.79
CA THR B 99 -3.69 29.16 -14.37
C THR B 99 -2.84 27.95 -13.95
N PHE B 100 -1.78 27.70 -14.71
CA PHE B 100 -0.77 26.69 -14.35
C PHE B 100 -0.29 26.92 -12.91
N GLU B 101 0.09 28.16 -12.60
CA GLU B 101 0.61 28.47 -11.24
C GLU B 101 -0.43 28.38 -10.16
N ARG B 102 -1.68 28.72 -10.49
CA ARG B 102 -2.79 28.58 -9.55
C ARG B 102 -2.98 27.12 -9.15
N VAL B 103 -2.94 26.22 -10.13
CA VAL B 103 -3.08 24.79 -9.88
C VAL B 103 -1.89 24.30 -8.99
N LEU B 104 -0.68 24.71 -9.31
CA LEU B 104 0.48 24.31 -8.51
C LEU B 104 0.38 24.83 -7.07
N ARG B 105 -0.12 26.04 -6.91
CA ARG B 105 -0.23 26.66 -5.60
C ARG B 105 -1.18 25.89 -4.69
N LEU B 106 -2.31 25.45 -5.23
CA LEU B 106 -3.25 24.67 -4.43
C LEU B 106 -2.75 23.24 -4.20
N ASN B 107 -2.34 22.57 -5.28
CA ASN B 107 -2.01 21.15 -5.24
C ASN B 107 -0.67 20.85 -4.57
N LEU B 108 0.31 21.74 -4.72
CA LEU B 108 1.65 21.53 -4.17
C LEU B 108 1.98 22.47 -3.02
N SER B 109 1.94 23.78 -3.26
CA SER B 109 2.34 24.72 -2.20
C SER B 109 1.55 24.58 -0.92
N ALA B 110 0.23 24.43 -1.04
CA ALA B 110 -0.63 24.30 0.13
C ALA B 110 -0.30 23.03 0.92
N ALA B 111 0.04 21.96 0.22
CA ALA B 111 0.43 20.72 0.89
C ALA B 111 1.76 20.89 1.63
N MET B 112 2.70 21.60 1.00
CA MET B 112 3.98 21.89 1.64
C MET B 112 3.75 22.70 2.92
N LEU B 113 2.94 23.75 2.81
CA LEU B 113 2.64 24.61 3.96
C LEU B 113 1.92 23.82 5.06
N ALA B 114 0.87 23.10 4.69
CA ALA B 114 0.13 22.32 5.69
C ALA B 114 1.05 21.34 6.41
N SER B 115 1.95 20.69 5.66
CA SER B 115 2.87 19.73 6.25
C SER B 115 3.78 20.39 7.28
N GLN B 116 4.33 21.55 6.93
CA GLN B 116 5.21 22.28 7.84
C GLN B 116 4.49 22.83 9.06
N LEU B 117 3.24 23.26 8.88
CA LEU B 117 2.42 23.72 9.99
C LEU B 117 2.02 22.54 10.91
N ALA B 118 1.77 21.37 10.31
CA ALA B 118 1.42 20.19 11.08
C ALA B 118 2.61 19.64 11.86
N ARG B 119 3.80 19.81 11.28
CA ARG B 119 4.99 19.11 11.75
C ARG B 119 5.23 19.14 13.29
N PRO B 120 5.22 20.33 13.92
CA PRO B 120 5.44 20.35 15.39
C PRO B 120 4.41 19.56 16.19
N LEU B 121 3.15 19.55 15.76
CA LEU B 121 2.11 18.79 16.45
C LEU B 121 2.29 17.30 16.17
N LEU B 122 2.61 16.95 14.94
CA LEU B 122 2.82 15.54 14.60
C LEU B 122 4.04 14.98 15.31
N ALA B 123 5.05 15.83 15.56
CA ALA B 123 6.26 15.43 16.28
C ALA B 123 6.04 15.12 17.78
N GLN B 124 4.98 15.63 18.39
CA GLN B 124 4.79 15.49 19.84
C GLN B 124 4.73 14.02 20.27
N ARG B 125 3.95 13.20 19.57
CA ARG B 125 3.87 11.75 19.82
C ARG B 125 4.22 10.91 18.59
N GLY B 126 4.71 11.54 17.54
CA GLY B 126 4.74 10.90 16.24
C GLY B 126 3.37 10.91 15.59
N GLY B 127 3.32 10.58 14.31
CA GLY B 127 2.07 10.61 13.56
C GLY B 127 2.37 10.41 12.08
N SER B 128 1.48 10.89 11.22
CA SER B 128 1.63 10.63 9.80
C SER B 128 1.02 11.70 8.92
N ILE B 129 1.53 11.74 7.70
CA ILE B 129 1.00 12.60 6.66
C ILE B 129 0.66 11.69 5.50
N LEU B 130 -0.52 11.93 4.92
CA LEU B 130 -0.95 11.24 3.71
C LEU B 130 -1.25 12.26 2.60
N ASN B 131 -0.54 12.16 1.48
CA ASN B 131 -0.78 13.01 0.33
C ASN B 131 -1.56 12.21 -0.74
N ILE B 132 -2.29 12.91 -1.60
CA ILE B 132 -3.05 12.27 -2.70
C ILE B 132 -2.40 12.56 -4.06
N ALA B 133 -1.92 11.50 -4.70
CA ALA B 133 -1.26 11.58 -6.00
C ALA B 133 -2.31 11.28 -7.08
N SER B 134 -1.95 10.58 -8.16
CA SER B 134 -2.85 10.40 -9.30
C SER B 134 -2.24 9.44 -10.30
N MET B 135 -3.08 8.90 -11.19
CA MET B 135 -2.57 8.22 -12.37
C MET B 135 -1.60 9.16 -13.15
N TYR B 136 -1.83 10.47 -13.06
CA TYR B 136 -1.02 11.47 -13.77
C TYR B 136 0.31 11.84 -13.04
N SER B 137 0.61 11.17 -11.92
CA SER B 137 1.97 11.08 -11.35
C SER B 137 2.88 10.15 -12.17
N THR B 138 2.26 9.29 -12.98
CA THR B 138 2.98 8.34 -13.86
C THR B 138 2.77 8.71 -15.34
N PHE B 139 1.51 8.65 -15.78
CA PHE B 139 1.22 9.01 -17.15
C PHE B 139 1.24 10.53 -17.27
N GLY B 140 1.59 11.05 -18.43
CA GLY B 140 1.37 12.45 -18.71
C GLY B 140 -0.11 12.70 -18.98
N SER B 141 -0.51 13.98 -18.94
CA SER B 141 -1.84 14.40 -19.42
C SER B 141 -1.73 15.63 -20.32
N ALA B 142 -1.90 15.42 -21.62
CA ALA B 142 -2.00 16.53 -22.60
C ALA B 142 -3.05 17.57 -22.19
N ASP B 143 -4.18 17.12 -21.64
CA ASP B 143 -5.28 18.05 -21.29
C ASP B 143 -5.13 18.77 -19.95
N ARG B 144 -4.16 18.35 -19.11
CA ARG B 144 -3.94 18.99 -17.82
C ARG B 144 -2.47 18.88 -17.38
N PRO B 145 -1.62 19.63 -18.05
CA PRO B 145 -0.19 19.63 -17.79
C PRO B 145 0.16 20.09 -16.38
N ALA B 146 -0.60 21.06 -15.84
CA ALA B 146 -0.33 21.55 -14.51
C ALA B 146 -0.70 20.50 -13.47
N TYR B 147 -1.83 19.86 -13.69
CA TYR B 147 -2.28 18.84 -12.75
C TYR B 147 -1.30 17.68 -12.73
N SER B 148 -0.85 17.23 -13.89
CA SER B 148 0.17 16.18 -13.97
C SER B 148 1.51 16.62 -13.32
N ALA B 149 1.99 17.81 -13.66
CA ALA B 149 3.21 18.34 -13.01
C ALA B 149 3.05 18.34 -11.50
N SER B 150 1.90 18.81 -11.03
CA SER B 150 1.66 18.95 -9.60
C SER B 150 1.65 17.58 -8.91
N LYS B 151 1.21 16.54 -9.62
CA LYS B 151 1.12 15.22 -9.01
C LYS B 151 2.46 14.49 -9.04
N GLY B 152 3.31 14.78 -10.03
CA GLY B 152 4.70 14.35 -10.00
C GLY B 152 5.44 15.03 -8.85
N ALA B 153 5.17 16.32 -8.65
CA ALA B 153 5.76 17.07 -7.56
C ALA B 153 5.36 16.50 -6.18
N ILE B 154 4.08 16.16 -6.03
CA ILE B 154 3.57 15.63 -4.78
C ILE B 154 4.25 14.31 -4.38
N VAL B 155 4.52 13.43 -5.37
CA VAL B 155 5.21 12.17 -5.10
C VAL B 155 6.63 12.46 -4.59
N GLN B 156 7.38 13.37 -5.22
CA GLN B 156 8.71 13.70 -4.75
C GLN B 156 8.70 14.44 -3.41
N LEU B 157 7.69 15.27 -3.19
CA LEU B 157 7.56 15.90 -1.89
C LEU B 157 7.30 14.85 -0.82
N THR B 158 6.48 13.85 -1.15
CA THR B 158 6.20 12.74 -0.23
C THR B 158 7.52 12.05 0.17
N ARG B 159 8.35 11.75 -0.84
CA ARG B 159 9.63 11.08 -0.61
C ARG B 159 10.61 11.95 0.19
N SER B 160 10.63 13.25 -0.11
CA SER B 160 11.53 14.18 0.54
C SER B 160 11.21 14.40 1.99
N LEU B 161 9.93 14.63 2.26
CA LEU B 161 9.47 14.85 3.62
C LEU B 161 9.52 13.55 4.47
N ALA B 162 9.33 12.40 3.83
CA ALA B 162 9.55 11.13 4.51
C ALA B 162 10.99 11.06 5.07
N CYS B 163 11.97 11.50 4.28
CA CYS B 163 13.36 11.51 4.73
C CYS B 163 13.57 12.56 5.84
N GLU B 164 13.03 13.76 5.64
CA GLU B 164 13.20 14.85 6.60
C GLU B 164 12.50 14.61 7.92
N TYR B 165 11.27 14.11 7.89
CA TYR B 165 10.44 14.02 9.10
C TYR B 165 10.61 12.73 9.90
N ALA B 166 11.35 11.76 9.37
CA ALA B 166 11.45 10.44 10.01
C ALA B 166 12.01 10.56 11.44
N ALA B 167 13.01 11.41 11.64
CA ALA B 167 13.61 11.56 12.99
C ALA B 167 12.60 12.02 14.02
N GLU B 168 11.51 12.65 13.58
CA GLU B 168 10.44 13.08 14.51
C GLU B 168 9.30 12.07 14.60
N ARG B 169 9.57 10.86 14.09
CA ARG B 169 8.60 9.76 14.11
C ARG B 169 7.33 10.11 13.31
N ILE B 170 7.50 10.88 12.23
CA ILE B 170 6.40 11.19 11.34
C ILE B 170 6.61 10.45 10.02
N ARG B 171 5.66 9.59 9.66
CA ARG B 171 5.67 8.89 8.39
C ARG B 171 4.91 9.72 7.36
N VAL B 172 5.35 9.66 6.11
CA VAL B 172 4.75 10.45 5.04
C VAL B 172 4.59 9.55 3.82
N ASN B 173 3.34 9.32 3.45
CA ASN B 173 3.00 8.45 2.33
C ASN B 173 2.03 9.12 1.38
N ALA B 174 1.77 8.47 0.25
CA ALA B 174 0.78 8.97 -0.71
C ALA B 174 -0.10 7.84 -1.24
N ILE B 175 -1.31 8.19 -1.66
CA ILE B 175 -2.13 7.28 -2.46
C ILE B 175 -2.24 7.86 -3.85
N ALA B 176 -2.07 7.02 -4.87
CA ALA B 176 -2.36 7.38 -6.26
C ALA B 176 -3.69 6.76 -6.66
N PRO B 177 -4.80 7.53 -6.53
CA PRO B 177 -6.06 6.94 -6.92
C PRO B 177 -6.16 6.80 -8.44
N GLY B 178 -6.93 5.82 -8.91
CA GLY B 178 -7.24 5.69 -10.33
C GLY B 178 -8.37 6.61 -10.75
N TRP B 179 -9.39 6.03 -11.40
CA TRP B 179 -10.54 6.77 -11.89
C TRP B 179 -11.62 6.55 -10.91
N ILE B 180 -11.81 7.55 -10.05
CA ILE B 180 -12.74 7.43 -8.95
C ILE B 180 -14.00 8.20 -9.35
N ASP B 181 -15.12 7.55 -9.24
CA ASP B 181 -16.40 8.15 -9.63
C ASP B 181 -16.75 9.13 -8.50
N THR B 182 -16.64 10.43 -8.74
CA THR B 182 -17.10 11.43 -7.79
C THR B 182 -17.96 12.46 -8.53
N PRO B 183 -18.88 13.15 -7.83
CA PRO B 183 -19.57 14.30 -8.43
C PRO B 183 -18.63 15.41 -8.94
N LEU B 184 -17.38 15.43 -8.46
CA LEU B 184 -16.34 16.33 -9.00
C LEU B 184 -16.15 16.16 -10.51
N GLY B 185 -16.26 14.92 -11.00
CA GLY B 185 -16.07 14.61 -12.41
C GLY B 185 -17.17 13.77 -13.04
N ALA B 186 -18.42 14.10 -12.73
CA ALA B 186 -19.57 13.38 -13.30
C ALA B 186 -19.73 13.64 -14.81
N GLY B 187 -19.07 14.67 -15.32
CA GLY B 187 -19.05 14.97 -16.75
C GLY B 187 -18.18 14.03 -17.57
N LEU B 188 -17.13 13.47 -16.96
CA LEU B 188 -16.27 12.46 -17.60
C LEU B 188 -17.05 11.21 -17.98
N LYS B 189 -18.09 10.88 -17.21
CA LYS B 189 -19.01 9.77 -17.53
C LYS B 189 -19.96 10.15 -18.68
N ALA B 190 -20.31 11.42 -18.76
CA ALA B 190 -21.09 11.95 -19.91
C ALA B 190 -20.33 11.76 -21.23
N ASP B 191 -19.00 11.72 -21.15
CA ASP B 191 -18.15 11.38 -22.30
C ASP B 191 -18.05 9.86 -22.44
N VAL B 192 -18.80 9.31 -23.40
CA VAL B 192 -18.89 7.87 -23.60
C VAL B 192 -17.56 7.27 -24.02
N GLU B 193 -16.81 8.04 -24.80
CA GLU B 193 -15.57 7.57 -25.40
C GLU B 193 -14.51 7.42 -24.34
N ALA B 194 -14.34 8.45 -23.51
CA ALA B 194 -13.40 8.43 -22.43
C ALA B 194 -13.70 7.27 -21.50
N THR B 195 -14.97 7.11 -21.13
CA THR B 195 -15.39 6.03 -20.25
C THR B 195 -15.05 4.66 -20.82
N ARG B 196 -15.39 4.42 -22.07
CA ARG B 196 -15.07 3.15 -22.69
C ARG B 196 -13.56 2.91 -22.67
N ARG B 197 -12.77 3.95 -22.91
CA ARG B 197 -11.31 3.79 -22.95
C ARG B 197 -10.80 3.43 -21.57
N ILE B 198 -11.29 4.13 -20.55
CA ILE B 198 -10.87 3.88 -19.19
C ILE B 198 -11.21 2.48 -18.78
N MET B 199 -12.45 2.08 -19.02
CA MET B 199 -12.91 0.77 -18.62
C MET B 199 -12.14 -0.33 -19.33
N GLN B 200 -11.83 -0.13 -20.59
CA GLN B 200 -11.02 -1.07 -21.35
C GLN B 200 -9.61 -1.24 -20.75
N ARG B 201 -9.04 -0.19 -20.17
CA ARG B 201 -7.72 -0.27 -19.57
C ARG B 201 -7.74 -0.52 -18.05
N THR B 202 -8.91 -0.74 -17.48
CA THR B 202 -8.99 -1.05 -16.07
C THR B 202 -9.29 -2.54 -15.92
N PRO B 203 -8.32 -3.33 -15.41
CA PRO B 203 -8.60 -4.75 -15.17
C PRO B 203 -9.88 -5.02 -14.38
N LEU B 204 -10.13 -4.26 -13.32
CA LEU B 204 -11.39 -4.46 -12.59
C LEU B 204 -12.64 -3.95 -13.33
N ALA B 205 -12.46 -3.25 -14.44
CA ALA B 205 -13.53 -2.90 -15.36
C ALA B 205 -14.71 -2.15 -14.69
N ARG B 206 -14.39 -1.29 -13.73
CA ARG B 206 -15.39 -0.42 -13.10
C ARG B 206 -14.69 0.83 -12.56
N TRP B 207 -15.48 1.81 -12.16
CA TRP B 207 -14.97 2.98 -11.48
C TRP B 207 -14.57 2.61 -10.10
N GLY B 208 -13.52 3.26 -9.60
CA GLY B 208 -13.24 3.20 -8.19
C GLY B 208 -14.20 4.13 -7.46
N GLU B 209 -14.34 3.92 -6.17
CA GLU B 209 -15.16 4.85 -5.35
C GLU B 209 -14.41 5.40 -4.13
N ALA B 210 -14.87 6.57 -3.65
CA ALA B 210 -14.17 7.31 -2.61
C ALA B 210 -13.88 6.47 -1.36
N PRO B 211 -14.84 5.65 -0.92
CA PRO B 211 -14.57 4.87 0.31
C PRO B 211 -13.43 3.85 0.15
N GLU B 212 -13.13 3.49 -1.08
CA GLU B 212 -12.03 2.57 -1.35
C GLU B 212 -10.69 3.25 -1.22
N VAL B 213 -10.61 4.54 -1.53
CA VAL B 213 -9.42 5.34 -1.23
C VAL B 213 -9.34 5.54 0.29
N ALA B 214 -10.48 5.82 0.92
CA ALA B 214 -10.54 6.04 2.38
C ALA B 214 -10.07 4.86 3.21
N SER B 215 -10.41 3.64 2.80
CA SER B 215 -9.97 2.47 3.57
C SER B 215 -8.43 2.33 3.51
N ALA B 216 -7.85 2.58 2.33
CA ALA B 216 -6.37 2.58 2.21
C ALA B 216 -5.74 3.69 3.08
N ALA B 217 -6.37 4.86 3.16
CA ALA B 217 -5.92 5.96 4.04
C ALA B 217 -5.86 5.55 5.51
N ALA B 218 -6.91 4.87 5.96
CA ALA B 218 -7.00 4.43 7.35
C ALA B 218 -5.91 3.43 7.67
N PHE B 219 -5.55 2.60 6.69
CA PHE B 219 -4.43 1.67 6.93
C PHE B 219 -3.09 2.37 7.00
N LEU B 220 -2.79 3.19 6.01
CA LEU B 220 -1.48 3.82 5.87
C LEU B 220 -1.15 4.75 7.03
N CYS B 221 -2.18 5.34 7.64
CA CYS B 221 -1.99 6.31 8.72
C CYS B 221 -2.06 5.68 10.10
N GLY B 222 -2.11 4.34 10.18
CA GLY B 222 -2.23 3.64 11.47
C GLY B 222 -1.05 2.75 11.82
N PRO B 223 -1.12 2.10 13.00
CA PRO B 223 -0.02 1.27 13.50
C PRO B 223 0.28 0.02 12.69
N GLY B 224 -0.65 -0.44 11.86
CA GLY B 224 -0.34 -1.52 10.95
C GLY B 224 0.64 -1.12 9.84
N ALA B 225 0.88 0.19 9.68
CA ALA B 225 1.81 0.69 8.65
C ALA B 225 3.03 1.36 9.29
N SER B 226 3.44 0.85 10.46
CA SER B 226 4.54 1.43 11.25
C SER B 226 5.91 1.46 10.54
N PHE B 227 6.13 0.59 9.55
CA PHE B 227 7.38 0.63 8.80
C PHE B 227 7.18 1.15 7.38
N VAL B 228 6.05 1.82 7.14
CA VAL B 228 5.70 2.31 5.81
C VAL B 228 5.88 3.80 5.81
N THR B 229 6.92 4.26 5.09
CA THR B 229 7.12 5.68 4.85
C THR B 229 7.76 5.96 3.49
N GLY B 230 7.35 7.07 2.88
CA GLY B 230 7.83 7.43 1.56
C GLY B 230 7.14 6.65 0.44
N ALA B 231 6.12 5.88 0.78
CA ALA B 231 5.48 4.97 -0.15
C ALA B 231 4.34 5.63 -0.90
N VAL B 232 4.12 5.19 -2.15
CA VAL B 232 2.97 5.53 -2.91
C VAL B 232 2.18 4.25 -3.18
N LEU B 233 0.93 4.21 -2.74
CA LEU B 233 0.07 3.06 -2.97
C LEU B 233 -0.95 3.40 -4.07
N ALA B 234 -0.93 2.63 -5.15
CA ALA B 234 -1.90 2.79 -6.22
C ALA B 234 -3.22 2.16 -5.79
N VAL B 235 -4.31 2.90 -5.96
CA VAL B 235 -5.65 2.40 -5.68
C VAL B 235 -6.44 2.69 -6.95
N ASP B 236 -6.28 1.81 -7.94
CA ASP B 236 -6.62 2.14 -9.32
C ASP B 236 -7.25 1.01 -10.15
N GLY B 237 -7.64 -0.07 -9.49
CA GLY B 237 -8.28 -1.20 -10.22
C GLY B 237 -7.39 -1.83 -11.27
N GLY B 238 -6.08 -1.59 -11.18
CA GLY B 238 -5.11 -2.18 -12.09
C GLY B 238 -4.74 -1.31 -13.27
N TYR B 239 -5.31 -0.11 -13.35
CA TYR B 239 -5.17 0.74 -14.54
C TYR B 239 -3.71 0.94 -14.93
N LEU B 240 -2.83 1.16 -13.95
CA LEU B 240 -1.38 1.36 -14.23
C LEU B 240 -0.75 0.14 -14.94
N CYS B 241 -1.34 -1.05 -14.77
CA CYS B 241 -0.78 -2.28 -15.34
C CYS B 241 -1.09 -2.56 -16.80
N ALA B 242 -2.18 -2.02 -17.33
CA ALA B 242 -2.70 -2.43 -18.61
C ALA B 242 -2.03 -1.69 -19.75
#